data_1O54
#
_entry.id   1O54
#
_cell.length_a   64.253
_cell.length_b   74.992
_cell.length_c   143.701
_cell.angle_alpha   90.00
_cell.angle_beta   90.00
_cell.angle_gamma   90.00
#
_symmetry.space_group_name_H-M   'I 2 2 2'
#
loop_
_entity.id
_entity.type
_entity.pdbx_description
1 polymer 'SAM-dependent O-methyltransferase'
2 non-polymer 'CHLORIDE ION'
3 water water
#
_entity_poly.entity_id   1
_entity_poly.type   'polypeptide(L)'
_entity_poly.pdbx_seq_one_letter_code
;MGSDKIHHHHHHVGKVADTLKPGDRVLLSFEDESEFLVDLEKDKKLHTHLGIIDLNEVFEKGPGEIIRTSAGKKGYILIP
SLIDEIMNMKRRTQIVYPKDSSFIAMMLDVKEGDRIIDTGVGSGAMCAVLARAVGSSGKVFAYEKREEFAKLAESNLTKW
GLIERVTIKVRDISEGFDEKDVDALFLDVPDPWNYIDKCWEALKGGGRFATVCPTTNQVQETLKKLQELPFIRIEVWESL
FRPYKPVPERLRPVDRMVAHTAYMIFATKVCRREETE
;
_entity_poly.pdbx_strand_id   A
#
# COMPACT_ATOMS: atom_id res chain seq x y z
N HIS A 10 15.95 -26.56 -17.61
CA HIS A 10 14.70 -27.29 -17.24
C HIS A 10 13.87 -26.51 -16.26
N HIS A 11 12.61 -26.90 -16.19
CA HIS A 11 11.65 -26.30 -15.29
C HIS A 11 11.93 -26.81 -13.86
N HIS A 12 12.21 -25.87 -12.95
CA HIS A 12 12.51 -26.21 -11.56
C HIS A 12 11.22 -26.13 -10.72
N VAL A 13 11.01 -27.11 -9.85
CA VAL A 13 9.82 -27.14 -9.00
C VAL A 13 9.86 -25.94 -8.04
N GLY A 14 10.99 -25.78 -7.38
CA GLY A 14 11.27 -24.56 -6.61
C GLY A 14 10.30 -24.35 -5.47
N LYS A 15 9.79 -23.11 -5.37
CA LYS A 15 8.82 -22.76 -4.33
C LYS A 15 7.40 -23.10 -4.76
N VAL A 16 6.80 -24.08 -4.11
CA VAL A 16 5.56 -24.65 -4.60
C VAL A 16 4.44 -23.65 -4.53
N ALA A 17 4.43 -22.78 -3.52
CA ALA A 17 3.38 -21.79 -3.42
C ALA A 17 3.38 -20.79 -4.60
N ASP A 18 4.49 -20.72 -5.34
CA ASP A 18 4.60 -19.84 -6.52
C ASP A 18 4.19 -20.53 -7.83
N THR A 19 3.70 -21.76 -7.76
CA THR A 19 3.24 -22.48 -8.96
C THR A 19 2.14 -21.70 -9.69
N LEU A 20 2.26 -21.56 -11.01
CA LEU A 20 1.30 -20.74 -11.75
C LEU A 20 0.08 -21.56 -12.09
N LYS A 21 -1.09 -21.05 -11.74
CA LYS A 21 -2.34 -21.71 -12.09
C LYS A 21 -3.41 -20.72 -12.53
N PRO A 22 -4.45 -21.24 -13.17
CA PRO A 22 -5.58 -20.41 -13.56
C PRO A 22 -6.02 -19.48 -12.45
N GLY A 23 -6.14 -18.20 -12.80
CA GLY A 23 -6.60 -17.18 -11.88
C GLY A 23 -5.49 -16.50 -11.13
N ASP A 24 -4.26 -16.99 -11.23
CA ASP A 24 -3.13 -16.33 -10.57
C ASP A 24 -2.77 -15.04 -11.30
N ARG A 25 -2.26 -14.07 -10.57
CA ARG A 25 -1.69 -12.86 -11.20
C ARG A 25 -0.22 -13.09 -11.56
N VAL A 26 0.17 -12.68 -12.75
CA VAL A 26 1.57 -12.74 -13.16
C VAL A 26 1.97 -11.39 -13.69
N LEU A 27 3.26 -11.16 -13.67
CA LEU A 27 3.84 -9.97 -14.21
C LEU A 27 4.80 -10.40 -15.30
N LEU A 28 4.54 -9.96 -16.53
CA LEU A 28 5.42 -10.27 -17.66
C LEU A 28 6.31 -9.06 -17.95
N SER A 29 7.62 -9.27 -17.91
CA SER A 29 8.57 -8.15 -17.96
C SER A 29 9.48 -8.28 -19.19
N PHE A 30 9.55 -7.23 -20.01
CA PHE A 30 10.28 -7.27 -21.29
C PHE A 30 11.56 -6.41 -21.34
N GLU A 31 12.42 -6.69 -22.32
CA GLU A 31 13.72 -5.99 -22.48
C GLU A 31 13.62 -4.46 -22.50
N ASP A 32 12.57 -3.93 -23.13
CA ASP A 32 12.37 -2.46 -23.20
C ASP A 32 11.70 -1.92 -21.92
N GLU A 33 11.69 -2.75 -20.88
CA GLU A 33 11.17 -2.40 -19.58
C GLU A 33 9.64 -2.26 -19.50
N SER A 34 8.89 -2.59 -20.56
CA SER A 34 7.43 -2.63 -20.40
C SER A 34 7.09 -3.80 -19.50
N GLU A 35 6.06 -3.66 -18.69
CA GLU A 35 5.60 -4.73 -17.82
C GLU A 35 4.08 -4.86 -17.90
N PHE A 36 3.58 -6.09 -17.89
CA PHE A 36 2.16 -6.33 -18.02
C PHE A 36 1.70 -7.19 -16.87
N LEU A 37 0.79 -6.66 -16.06
CA LEU A 37 0.21 -7.38 -14.94
C LEU A 37 -1.11 -7.94 -15.41
N VAL A 38 -1.22 -9.27 -15.39
CA VAL A 38 -2.43 -9.92 -15.90
C VAL A 38 -2.88 -11.10 -15.06
N ASP A 39 -4.17 -11.38 -15.15
CA ASP A 39 -4.77 -12.57 -14.57
C ASP A 39 -4.58 -13.71 -15.56
N LEU A 40 -4.02 -14.81 -15.07
CA LEU A 40 -3.83 -15.98 -15.91
C LEU A 40 -5.14 -16.71 -16.10
N GLU A 41 -5.51 -16.89 -17.34
CA GLU A 41 -6.68 -17.67 -17.66
C GLU A 41 -6.40 -18.44 -18.94
N LYS A 42 -6.91 -19.66 -19.00
CA LYS A 42 -6.71 -20.54 -20.15
C LYS A 42 -7.27 -19.89 -21.40
N ASP A 43 -6.54 -20.00 -22.51
CA ASP A 43 -6.99 -19.52 -23.82
C ASP A 43 -7.10 -18.00 -23.95
N LYS A 44 -6.49 -17.25 -23.04
CA LYS A 44 -6.42 -15.80 -23.18
C LYS A 44 -5.14 -15.43 -23.93
N LYS A 45 -5.24 -14.43 -24.79
CA LYS A 45 -4.07 -13.83 -25.40
C LYS A 45 -3.99 -12.35 -25.05
N LEU A 46 -2.76 -11.89 -24.84
CA LEU A 46 -2.47 -10.47 -24.67
C LEU A 46 -1.90 -9.93 -25.95
N HIS A 47 -2.48 -8.82 -26.42
CA HIS A 47 -1.98 -8.14 -27.62
C HIS A 47 -1.22 -6.91 -27.17
N THR A 48 0.08 -6.86 -27.46
CA THR A 48 0.94 -5.76 -27.02
C THR A 48 1.76 -5.21 -28.18
N HIS A 49 2.40 -4.08 -27.92
CA HIS A 49 3.29 -3.43 -28.88
C HIS A 49 4.53 -4.29 -29.21
N LEU A 50 4.77 -5.33 -28.40
CA LEU A 50 5.83 -6.29 -28.64
C LEU A 50 5.32 -7.60 -29.27
N GLY A 51 4.01 -7.69 -29.47
CA GLY A 51 3.43 -8.84 -30.13
C GLY A 51 2.43 -9.51 -29.22
N ILE A 52 1.99 -10.70 -29.64
CA ILE A 52 0.97 -11.44 -28.93
C ILE A 52 1.64 -12.39 -27.94
N ILE A 53 1.12 -12.41 -26.72
CA ILE A 53 1.57 -13.36 -25.70
C ILE A 53 0.43 -14.37 -25.48
N ASP A 54 0.74 -15.64 -25.71
CA ASP A 54 -0.20 -16.72 -25.45
C ASP A 54 -0.11 -17.19 -23.99
N LEU A 55 -1.11 -16.86 -23.18
CA LEU A 55 -1.03 -17.17 -21.75
C LEU A 55 -1.05 -18.67 -21.45
N ASN A 56 -1.62 -19.48 -22.34
CA ASN A 56 -1.47 -20.94 -22.23
C ASN A 56 -0.03 -21.40 -22.00
N GLU A 57 0.91 -20.74 -22.67
CA GLU A 57 2.34 -21.04 -22.50
C GLU A 57 2.82 -20.82 -21.10
N VAL A 58 2.28 -19.81 -20.42
CA VAL A 58 2.67 -19.48 -19.09
C VAL A 58 2.42 -20.65 -18.12
N PHE A 59 1.32 -21.38 -18.32
CA PHE A 59 1.03 -22.53 -17.45
C PHE A 59 2.08 -23.65 -17.58
N GLU A 60 2.84 -23.64 -18.66
CA GLU A 60 3.91 -24.65 -18.87
C GLU A 60 5.29 -24.14 -18.52
N LYS A 61 5.32 -22.99 -17.86
CA LYS A 61 6.57 -22.34 -17.45
C LYS A 61 6.47 -22.09 -15.96
N GLY A 62 7.23 -21.15 -15.43
CA GLY A 62 7.32 -20.91 -14.00
C GLY A 62 7.95 -19.55 -13.78
N PRO A 63 7.93 -18.99 -12.57
CA PRO A 63 8.55 -17.70 -12.35
C PRO A 63 10.04 -17.76 -12.66
N GLY A 64 10.51 -16.71 -13.34
CA GLY A 64 11.90 -16.58 -13.70
C GLY A 64 12.17 -17.14 -15.08
N GLU A 65 11.21 -17.82 -15.68
CA GLU A 65 11.38 -18.36 -17.01
C GLU A 65 11.01 -17.37 -18.11
N ILE A 66 11.55 -17.62 -19.30
CA ILE A 66 11.31 -16.83 -20.50
C ILE A 66 9.98 -17.15 -21.16
N ILE A 67 9.35 -16.10 -21.66
CA ILE A 67 8.19 -16.20 -22.54
C ILE A 67 8.49 -15.29 -23.73
N ARG A 68 8.21 -15.79 -24.95
CA ARG A 68 8.39 -15.04 -26.17
C ARG A 68 7.03 -14.61 -26.74
N THR A 69 7.00 -13.42 -27.31
CA THR A 69 5.80 -12.96 -28.01
C THR A 69 5.84 -13.57 -29.40
N SER A 70 4.72 -13.47 -30.10
CA SER A 70 4.66 -13.89 -31.51
C SER A 70 5.74 -13.24 -32.39
N ALA A 71 6.18 -12.03 -32.03
CA ALA A 71 7.21 -11.33 -32.79
C ALA A 71 8.63 -11.63 -32.32
N GLY A 72 8.78 -12.63 -31.45
CA GLY A 72 10.09 -13.12 -31.00
C GLY A 72 10.72 -12.34 -29.86
N LYS A 73 10.01 -11.34 -29.34
CA LYS A 73 10.54 -10.50 -28.27
C LYS A 73 10.59 -11.31 -26.97
N LYS A 74 11.66 -11.14 -26.21
CA LYS A 74 11.91 -11.95 -25.01
C LYS A 74 11.39 -11.23 -23.76
N GLY A 75 10.51 -11.91 -23.02
CA GLY A 75 10.10 -11.42 -21.71
C GLY A 75 10.30 -12.48 -20.66
N TYR A 76 10.07 -12.10 -19.41
CA TYR A 76 10.19 -13.01 -18.27
C TYR A 76 8.91 -13.03 -17.45
N ILE A 77 8.57 -14.21 -16.92
CA ILE A 77 7.38 -14.39 -16.07
C ILE A 77 7.81 -14.18 -14.64
N LEU A 78 7.08 -13.29 -13.94
CA LEU A 78 7.36 -12.92 -12.57
C LEU A 78 6.08 -12.97 -11.75
N ILE A 79 6.26 -13.10 -10.44
CA ILE A 79 5.16 -13.02 -9.51
C ILE A 79 5.18 -11.55 -9.08
N PRO A 80 4.08 -10.84 -9.27
CA PRO A 80 4.04 -9.43 -8.86
C PRO A 80 4.20 -9.26 -7.36
N SER A 81 4.90 -8.20 -7.01
CA SER A 81 5.02 -7.79 -5.60
C SER A 81 3.79 -6.95 -5.25
N LEU A 82 3.64 -6.66 -3.96
CA LEU A 82 2.62 -5.74 -3.53
C LEU A 82 2.87 -4.39 -4.15
N ILE A 83 4.12 -3.93 -4.21
CA ILE A 83 4.42 -2.66 -4.90
C ILE A 83 3.95 -2.69 -6.33
N ASP A 84 4.27 -3.78 -7.04
CA ASP A 84 3.78 -3.92 -8.41
C ASP A 84 2.28 -3.76 -8.51
N GLU A 85 1.54 -4.42 -7.61
CA GLU A 85 0.09 -4.33 -7.59
C GLU A 85 -0.41 -2.93 -7.28
N ILE A 86 0.20 -2.27 -6.31
CA ILE A 86 -0.17 -0.90 -5.94
C ILE A 86 0.09 0.05 -7.10
N MET A 87 1.24 -0.09 -7.74
CA MET A 87 1.57 0.82 -8.85
C MET A 87 0.79 0.55 -10.13
N ASN A 88 0.50 -0.72 -10.43
CA ASN A 88 -0.19 -1.12 -11.69
C ASN A 88 -1.69 -1.18 -11.49
N MET A 89 -2.08 -0.29 -10.59
CA MET A 89 -3.40 -0.18 -10.03
C MET A 89 -4.26 0.31 -11.19
N LYS A 90 -5.13 -0.57 -11.68
CA LYS A 90 -5.91 -0.34 -12.88
C LYS A 90 -7.15 0.47 -12.55
N ARG A 92 -7.30 3.06 -11.39
CA ARG A 92 -6.45 4.15 -10.96
C ARG A 92 -7.27 5.08 -10.06
N THR A 93 -6.74 5.32 -8.87
CA THR A 93 -7.25 6.31 -7.93
C THR A 93 -6.07 6.78 -7.07
N GLN A 94 -6.32 7.73 -6.18
CA GLN A 94 -5.27 8.28 -5.33
C GLN A 94 -4.78 7.25 -4.32
N ILE A 95 -3.46 7.17 -4.12
CA ILE A 95 -2.89 6.22 -3.17
C ILE A 95 -1.86 6.89 -2.30
N VAL A 96 -1.56 6.25 -1.18
CA VAL A 96 -0.31 6.50 -0.46
C VAL A 96 0.76 5.65 -1.15
N TYR A 97 1.81 6.29 -1.65
CA TYR A 97 2.82 5.57 -2.43
C TYR A 97 3.70 4.76 -1.50
N PRO A 98 4.22 3.64 -2.00
CA PRO A 98 5.13 2.78 -1.24
C PRO A 98 6.29 3.44 -0.53
N LYS A 99 6.94 4.42 -1.17
CA LYS A 99 8.04 5.14 -0.49
C LYS A 99 7.54 5.74 0.83
N ASP A 100 6.28 6.12 0.87
CA ASP A 100 5.73 6.67 2.09
C ASP A 100 5.14 5.56 2.98
N SER A 101 4.31 4.68 2.43
CA SER A 101 3.63 3.69 3.25
C SER A 101 4.58 2.80 4.07
N SER A 102 5.69 2.38 3.48
CA SER A 102 6.66 1.54 4.18
C SER A 102 7.23 2.27 5.43
N PHE A 103 7.60 3.52 5.20
CA PHE A 103 8.14 4.36 6.24
C PHE A 103 7.10 4.61 7.34
N ILE A 104 5.89 4.94 6.92
CA ILE A 104 4.83 5.22 7.89
C ILE A 104 4.55 4.00 8.75
N ALA A 105 4.50 2.82 8.14
CA ALA A 105 4.23 1.59 8.91
C ALA A 105 5.36 1.30 9.94
N MET A 106 6.61 1.58 9.59
CA MET A 106 7.69 1.39 10.52
C MET A 106 7.64 2.44 11.60
N MET A 107 7.35 3.70 11.23
CA MET A 107 7.27 4.79 12.25
C MET A 107 6.14 4.53 13.27
N LEU A 108 5.04 3.94 12.79
CA LEU A 108 3.90 3.48 13.63
C LEU A 108 4.19 2.19 14.43
N ASP A 109 5.38 1.60 14.21
CA ASP A 109 5.84 0.41 14.91
C ASP A 109 4.87 -0.76 14.77
N VAL A 110 4.20 -0.84 13.61
CA VAL A 110 3.20 -1.88 13.39
C VAL A 110 3.90 -3.26 13.42
N LYS A 111 3.37 -4.14 14.27
CA LYS A 111 4.02 -5.41 14.55
C LYS A 111 2.98 -6.47 14.88
N GLU A 112 3.47 -7.70 14.94
CA GLU A 112 2.63 -8.90 15.15
C GLU A 112 1.65 -8.67 16.27
N GLY A 113 0.39 -8.94 15.99
CA GLY A 113 -0.67 -8.85 16.99
C GLY A 113 -1.27 -7.47 17.22
N ASP A 114 -0.72 -6.44 16.62
CA ASP A 114 -1.23 -5.10 16.79
C ASP A 114 -2.66 -4.96 16.25
N ARG A 115 -3.39 -4.10 16.92
CA ARG A 115 -4.70 -3.63 16.47
C ARG A 115 -4.49 -2.20 15.95
N ILE A 116 -4.89 -1.98 14.70
CA ILE A 116 -4.58 -0.76 13.97
C ILE A 116 -5.88 -0.22 13.36
N ILE A 117 -6.11 1.08 13.45
CA ILE A 117 -7.23 1.73 12.74
C ILE A 117 -6.65 2.38 11.48
N ASP A 118 -7.34 2.21 10.37
CA ASP A 118 -6.96 2.83 9.10
C ASP A 118 -8.21 3.52 8.54
N THR A 119 -8.12 4.80 8.23
CA THR A 119 -9.26 5.47 7.61
C THR A 119 -8.84 6.75 6.89
N GLY A 120 -9.38 7.07 5.72
CA GLY A 120 -10.15 6.20 4.86
C GLY A 120 -9.27 5.14 4.28
N VAL A 121 -9.83 4.35 3.36
CA VAL A 121 -9.15 3.20 2.83
C VAL A 121 -8.84 3.31 1.35
N GLY A 122 -9.76 3.86 0.57
CA GLY A 122 -9.50 4.00 -0.85
C GLY A 122 -9.36 2.65 -1.53
N SER A 123 -8.31 2.52 -2.33
CA SER A 123 -7.98 1.28 -3.01
C SER A 123 -7.44 0.18 -2.08
N GLY A 124 -7.10 0.55 -0.85
CA GLY A 124 -6.53 -0.41 0.09
C GLY A 124 -5.04 -0.52 0.05
N ALA A 125 -4.35 0.38 -0.68
CA ALA A 125 -2.89 0.26 -0.84
C ALA A 125 -2.17 0.38 0.51
N MET A 126 -2.45 1.43 1.27
CA MET A 126 -1.83 1.59 2.59
C MET A 126 -2.35 0.50 3.55
N CYS A 127 -3.65 0.23 3.43
CA CYS A 127 -4.30 -0.85 4.19
C CYS A 127 -3.54 -2.17 4.09
N ALA A 128 -3.14 -2.50 2.87
CA ALA A 128 -2.36 -3.71 2.63
C ALA A 128 -1.04 -3.73 3.34
N VAL A 129 -0.34 -2.60 3.34
CA VAL A 129 0.94 -2.51 4.02
C VAL A 129 0.76 -2.77 5.53
N LEU A 130 -0.26 -2.14 6.11
CA LEU A 130 -0.57 -2.31 7.51
C LEU A 130 -0.95 -3.77 7.79
N ALA A 131 -1.76 -4.35 6.91
CA ALA A 131 -2.20 -5.77 7.07
C ALA A 131 -0.99 -6.71 7.09
N ARG A 132 -0.03 -6.51 6.21
CA ARG A 132 1.16 -7.35 6.23
C ARG A 132 1.88 -7.21 7.57
N ALA A 133 1.97 -5.98 8.07
CA ALA A 133 2.70 -5.71 9.28
C ALA A 133 2.07 -6.22 10.58
N VAL A 134 0.75 -6.37 10.65
CA VAL A 134 0.12 -6.83 11.92
C VAL A 134 0.25 -8.34 12.11
N GLY A 135 0.69 -9.05 11.07
CA GLY A 135 0.82 -10.50 11.13
C GLY A 135 -0.51 -11.21 11.10
N SER A 136 -0.49 -12.54 11.20
CA SER A 136 -1.74 -13.30 11.22
C SER A 136 -2.58 -13.07 12.49
N SER A 137 -1.94 -12.63 13.56
CA SER A 137 -2.63 -12.46 14.87
C SER A 137 -3.18 -11.05 15.17
N GLY A 138 -2.81 -10.08 14.36
CA GLY A 138 -3.26 -8.71 14.50
C GLY A 138 -4.50 -8.44 13.67
N LYS A 139 -4.90 -7.18 13.64
CA LYS A 139 -6.07 -6.79 12.87
C LYS A 139 -6.02 -5.32 12.51
N VAL A 140 -6.44 -5.03 11.27
CA VAL A 140 -6.66 -3.67 10.81
C VAL A 140 -8.17 -3.41 10.74
N PHE A 141 -8.60 -2.38 11.46
CA PHE A 141 -10.01 -1.93 11.41
C PHE A 141 -10.03 -0.76 10.44
N ALA A 142 -10.55 -1.05 9.27
CA ALA A 142 -10.50 -0.11 8.14
C ALA A 142 -11.84 0.53 7.90
N TYR A 143 -11.94 1.81 8.26
CA TYR A 143 -13.19 2.53 8.15
C TYR A 143 -13.26 3.24 6.81
N GLU A 144 -14.28 2.92 6.05
CA GLU A 144 -14.50 3.51 4.73
C GLU A 144 -15.95 3.63 4.46
N LYS A 145 -16.47 4.82 4.65
CA LYS A 145 -17.89 5.12 4.45
C LYS A 145 -18.30 5.10 2.98
N ARG A 146 -17.34 5.22 2.06
CA ARG A 146 -17.66 5.18 0.63
C ARG A 146 -17.75 3.73 0.15
N GLU A 147 -18.99 3.27 -0.06
CA GLU A 147 -19.22 1.86 -0.42
C GLU A 147 -18.38 1.40 -1.61
N GLU A 148 -18.27 2.25 -2.64
CA GLU A 148 -17.49 1.84 -3.82
C GLU A 148 -16.03 1.55 -3.49
N PHE A 149 -15.44 2.35 -2.61
CA PHE A 149 -14.06 2.09 -2.17
C PHE A 149 -13.98 0.95 -1.16
N ALA A 150 -14.99 0.78 -0.30
CA ALA A 150 -15.00 -0.37 0.60
C ALA A 150 -14.92 -1.65 -0.22
N LYS A 151 -15.67 -1.69 -1.32
CA LYS A 151 -15.73 -2.91 -2.14
C LYS A 151 -14.47 -3.07 -2.98
N LEU A 152 -13.91 -1.96 -3.47
CA LEU A 152 -12.60 -2.04 -4.17
C LEU A 152 -11.48 -2.58 -3.28
N ALA A 153 -11.39 -2.00 -2.09
CA ALA A 153 -10.42 -2.48 -1.13
C ALA A 153 -10.64 -3.93 -0.74
N GLU A 154 -11.88 -4.35 -0.54
CA GLU A 154 -12.16 -5.71 -0.21
C GLU A 154 -11.63 -6.60 -1.35
N SER A 155 -11.92 -6.21 -2.58
CA SER A 155 -11.50 -7.00 -3.77
C SER A 155 -9.96 -7.08 -3.85
N ASN A 156 -9.31 -5.93 -3.76
CA ASN A 156 -7.83 -5.87 -3.78
C ASN A 156 -7.19 -6.68 -2.65
N LEU A 157 -7.60 -6.42 -1.40
CA LEU A 157 -7.07 -7.16 -0.26
C LEU A 157 -7.27 -8.66 -0.39
N THR A 158 -8.39 -9.08 -0.97
CA THR A 158 -8.63 -10.52 -1.18
C THR A 158 -7.61 -11.11 -2.19
N LYS A 159 -7.46 -10.43 -3.31
CA LYS A 159 -6.51 -10.79 -4.36
C LYS A 159 -5.08 -10.83 -3.79
N TRP A 160 -4.78 -9.94 -2.83
CA TRP A 160 -3.42 -9.79 -2.32
C TRP A 160 -3.16 -10.67 -1.10
N GLY A 161 -4.13 -11.50 -0.73
CA GLY A 161 -3.98 -12.49 0.34
C GLY A 161 -3.99 -11.94 1.74
N LEU A 162 -4.64 -10.80 1.89
CA LEU A 162 -4.61 -10.06 3.16
C LEU A 162 -5.98 -9.78 3.79
N ILE A 163 -7.06 -10.14 3.13
CA ILE A 163 -8.41 -9.80 3.64
C ILE A 163 -8.74 -10.37 5.01
N GLU A 164 -8.22 -11.54 5.36
CA GLU A 164 -8.44 -12.13 6.67
C GLU A 164 -7.92 -11.26 7.81
N ARG A 165 -7.02 -10.32 7.50
CA ARG A 165 -6.42 -9.46 8.51
C ARG A 165 -7.06 -8.08 8.60
N VAL A 166 -8.11 -7.83 7.82
CA VAL A 166 -8.71 -6.53 7.72
C VAL A 166 -10.21 -6.63 7.88
N THR A 167 -10.74 -5.87 8.83
CA THR A 167 -12.17 -5.71 9.01
C THR A 167 -12.57 -4.38 8.39
N ILE A 168 -13.16 -4.44 7.21
CA ILE A 168 -13.63 -3.23 6.52
C ILE A 168 -15.00 -2.85 7.03
N LYS A 169 -15.10 -1.61 7.58
CA LYS A 169 -16.30 -1.12 8.22
C LYS A 169 -16.85 0.06 7.44
N VAL A 170 -18.06 -0.10 6.88
CA VAL A 170 -18.61 0.97 6.09
C VAL A 170 -19.33 1.86 7.05
N ARG A 171 -18.55 2.75 7.66
CA ARG A 171 -18.97 3.51 8.82
C ARG A 171 -18.40 4.89 8.76
N ASP A 172 -19.24 5.89 9.12
CA ASP A 172 -18.80 7.28 9.20
C ASP A 172 -18.02 7.52 10.50
N ILE A 173 -16.84 8.10 10.42
CA ILE A 173 -15.97 8.24 11.60
C ILE A 173 -16.30 9.48 12.43
N SER A 174 -17.25 10.29 11.98
CA SER A 174 -17.70 11.46 12.74
C SER A 174 -18.26 11.10 14.12
N GLU A 175 -18.81 9.89 14.24
CA GLU A 175 -19.32 9.39 15.52
C GLU A 175 -18.25 8.67 16.39
N GLY A 176 -17.00 8.70 15.94
CA GLY A 176 -15.91 8.04 16.66
C GLY A 176 -15.71 6.59 16.23
N PHE A 177 -14.60 6.01 16.65
CA PHE A 177 -14.28 4.63 16.39
C PHE A 177 -14.84 3.71 17.46
N ASP A 178 -15.16 2.48 17.10
CA ASP A 178 -15.67 1.52 18.07
C ASP A 178 -14.59 0.98 18.99
N GLU A 179 -13.36 0.96 18.49
CA GLU A 179 -12.25 0.30 19.17
C GLU A 179 -11.58 1.29 20.11
N LYS A 180 -11.11 0.77 21.25
CA LYS A 180 -10.28 1.50 22.17
C LYS A 180 -8.95 0.79 22.34
N ASP A 181 -8.01 1.56 22.85
CA ASP A 181 -6.70 1.08 23.15
C ASP A 181 -5.99 0.47 21.95
N VAL A 182 -6.23 1.01 20.75
CA VAL A 182 -5.54 0.48 19.58
C VAL A 182 -4.07 0.90 19.60
N ASP A 183 -3.23 0.11 18.96
CA ASP A 183 -1.78 0.32 19.03
C ASP A 183 -1.32 1.50 18.20
N ALA A 184 -1.96 1.69 17.05
CA ALA A 184 -1.59 2.78 16.13
C ALA A 184 -2.79 3.09 15.24
N LEU A 185 -2.75 4.27 14.62
CA LEU A 185 -3.83 4.75 13.81
C LEU A 185 -3.26 5.54 12.67
N PHE A 186 -3.73 5.25 11.48
CA PHE A 186 -3.36 6.02 10.27
C PHE A 186 -4.62 6.70 9.72
N LEU A 187 -4.48 8.00 9.45
CA LEU A 187 -5.60 8.83 9.06
C LEU A 187 -5.26 9.44 7.70
N ASP A 188 -6.16 9.25 6.73
CA ASP A 188 -5.97 9.83 5.42
C ASP A 188 -7.36 10.25 4.93
N VAL A 189 -7.66 11.52 5.13
CA VAL A 189 -8.98 12.11 4.82
C VAL A 189 -8.70 13.52 4.31
N PRO A 190 -9.65 14.16 3.65
CA PRO A 190 -9.38 15.52 3.16
C PRO A 190 -9.12 16.56 4.27
N ASP A 191 -9.66 16.30 5.47
CA ASP A 191 -9.71 17.30 6.52
C ASP A 191 -9.35 16.68 7.86
N PRO A 192 -8.12 16.20 7.98
CA PRO A 192 -7.73 15.45 9.18
C PRO A 192 -7.92 16.18 10.51
N TRP A 193 -7.79 17.51 10.52
CA TRP A 193 -8.02 18.31 11.74
C TRP A 193 -9.42 18.10 12.37
N ASN A 194 -10.40 17.72 11.56
CA ASN A 194 -11.74 17.46 12.07
C ASN A 194 -11.92 16.09 12.77
N TYR A 195 -10.89 15.25 12.74
CA TYR A 195 -10.98 13.90 13.30
C TYR A 195 -9.95 13.57 14.38
N ILE A 196 -9.06 14.50 14.68
CA ILE A 196 -7.95 14.22 15.61
C ILE A 196 -8.44 13.85 17.00
N ASP A 197 -9.49 14.50 17.50
CA ASP A 197 -10.05 14.14 18.82
C ASP A 197 -10.48 12.67 18.87
N LYS A 198 -11.20 12.22 17.85
CA LYS A 198 -11.66 10.84 17.81
C LYS A 198 -10.49 9.85 17.73
N CYS A 199 -9.45 10.23 16.97
CA CYS A 199 -8.22 9.45 16.87
C CYS A 199 -7.54 9.32 18.23
N TRP A 200 -7.37 10.43 18.91
CA TRP A 200 -6.80 10.40 20.25
C TRP A 200 -7.58 9.45 21.14
N GLU A 201 -8.90 9.52 21.11
CA GLU A 201 -9.74 8.70 22.02
C GLU A 201 -9.54 7.19 21.80
N ALA A 202 -9.30 6.82 20.55
CA ALA A 202 -9.16 5.39 20.18
C ALA A 202 -7.79 4.79 20.53
N LEU A 203 -6.75 5.60 20.64
CA LEU A 203 -5.38 5.13 20.85
C LEU A 203 -5.10 4.71 22.28
N LYS A 204 -4.33 3.65 22.46
CA LYS A 204 -3.79 3.31 23.80
C LYS A 204 -2.80 4.41 24.26
N GLY A 205 -2.54 4.44 25.57
CA GLY A 205 -1.45 5.22 26.11
C GLY A 205 -0.16 4.84 25.46
N GLY A 206 0.53 5.82 24.90
CA GLY A 206 1.75 5.57 24.15
C GLY A 206 1.49 5.10 22.73
N GLY A 207 0.24 5.09 22.31
CA GLY A 207 -0.10 4.68 20.93
C GLY A 207 0.37 5.72 19.92
N ARG A 208 0.52 5.29 18.68
CA ARG A 208 1.13 6.10 17.66
C ARG A 208 0.14 6.47 16.56
N PHE A 209 0.19 7.73 16.18
CA PHE A 209 -0.68 8.35 15.20
C PHE A 209 0.14 8.80 13.99
N ALA A 210 -0.38 8.60 12.78
CA ALA A 210 0.19 9.21 11.56
C ALA A 210 -0.90 9.69 10.65
N THR A 211 -0.63 10.76 9.92
CA THR A 211 -1.53 11.22 8.86
C THR A 211 -0.66 11.77 7.70
N VAL A 212 -1.29 11.93 6.54
CA VAL A 212 -0.61 12.50 5.38
C VAL A 212 -1.40 13.70 4.91
N CYS A 213 -0.69 14.75 4.49
CA CYS A 213 -1.28 15.98 4.01
C CYS A 213 -0.59 16.35 2.69
N PRO A 214 -1.36 16.68 1.66
CA PRO A 214 -0.78 17.08 0.40
C PRO A 214 -0.19 18.49 0.35
N THR A 215 -0.66 19.38 1.20
CA THR A 215 -0.27 20.80 1.16
C THR A 215 0.32 21.25 2.50
N THR A 216 1.10 22.33 2.43
CA THR A 216 1.65 22.92 3.65
C THR A 216 0.54 23.55 4.51
N ASN A 217 -0.48 24.13 3.88
CA ASN A 217 -1.63 24.67 4.62
C ASN A 217 -2.27 23.60 5.50
N GLN A 218 -2.49 22.43 4.93
CA GLN A 218 -3.06 21.33 5.67
C GLN A 218 -2.16 20.86 6.81
N VAL A 219 -0.85 20.82 6.59
CA VAL A 219 0.07 20.51 7.67
C VAL A 219 -0.09 21.49 8.83
N GLN A 220 -0.12 22.78 8.51
CA GLN A 220 -0.26 23.81 9.54
C GLN A 220 -1.52 23.60 10.37
N GLU A 221 -2.67 23.38 9.72
CA GLU A 221 -3.92 23.22 10.41
C GLU A 221 -3.93 21.94 11.27
N THR A 222 -3.33 20.86 10.75
CA THR A 222 -3.29 19.59 11.45
C THR A 222 -2.41 19.68 12.69
N LEU A 223 -1.26 20.34 12.54
CA LEU A 223 -0.37 20.55 13.68
C LEU A 223 -1.04 21.35 14.79
N LYS A 224 -1.79 22.38 14.42
CA LYS A 224 -2.51 23.19 15.40
C LYS A 224 -3.44 22.31 16.24
N LYS A 225 -4.16 21.43 15.56
CA LYS A 225 -5.12 20.56 16.23
C LYS A 225 -4.43 19.53 17.15
N LEU A 226 -3.34 18.94 16.67
CA LEU A 226 -2.55 18.03 17.48
C LEU A 226 -2.06 18.69 18.78
N GLN A 227 -1.65 19.95 18.66
CA GLN A 227 -1.07 20.68 19.77
C GLN A 227 -2.11 21.06 20.80
N GLU A 228 -3.38 20.98 20.45
CA GLU A 228 -4.46 21.23 21.41
C GLU A 228 -4.73 20.00 22.31
N LEU A 229 -4.26 18.82 21.89
CA LEU A 229 -4.57 17.55 22.56
C LEU A 229 -3.32 16.93 23.21
N PRO A 230 -3.51 15.91 24.07
CA PRO A 230 -2.35 15.26 24.70
C PRO A 230 -1.59 14.31 23.74
N PHE A 231 -0.73 14.96 22.97
CA PHE A 231 0.17 14.31 22.00
C PHE A 231 1.57 14.87 22.22
N ILE A 232 2.56 13.99 22.14
CA ILE A 232 3.96 14.39 22.23
C ILE A 232 4.71 13.80 21.06
N ARG A 233 6.03 14.11 20.97
CA ARG A 233 6.89 13.57 19.90
C ARG A 233 6.23 13.84 18.53
N ILE A 234 5.76 15.07 18.34
CA ILE A 234 5.14 15.42 17.05
C ILE A 234 6.26 15.71 16.07
N GLU A 235 6.19 15.04 14.93
CA GLU A 235 7.17 15.20 13.85
C GLU A 235 6.50 15.30 12.49
N VAL A 236 7.16 16.02 11.59
CA VAL A 236 6.69 16.18 10.22
C VAL A 236 7.85 15.84 9.28
N TRP A 237 7.62 14.94 8.34
CA TRP A 237 8.64 14.43 7.43
C TRP A 237 8.17 14.53 5.97
N GLU A 238 9.12 14.77 5.08
CA GLU A 238 8.91 14.51 3.67
C GLU A 238 10.11 13.73 3.15
N SER A 239 9.90 12.97 2.11
CA SER A 239 11.02 12.27 1.48
C SER A 239 11.04 12.51 -0.03
N LEU A 240 12.26 12.53 -0.58
CA LEU A 240 12.51 12.56 -2.01
C LEU A 240 13.29 11.31 -2.34
N PHE A 241 12.77 10.52 -3.26
CA PHE A 241 13.45 9.34 -3.75
C PHE A 241 13.91 9.57 -5.17
N ARG A 242 15.18 9.28 -5.42
CA ARG A 242 15.78 9.56 -6.71
C ARG A 242 16.36 8.26 -7.26
N PRO A 243 15.93 7.84 -8.43
CA PRO A 243 16.58 6.72 -9.08
C PRO A 243 17.75 7.11 -9.98
N TYR A 244 18.65 6.15 -10.26
CA TYR A 244 19.81 6.34 -11.10
C TYR A 244 19.73 5.47 -12.32
N LYS A 245 20.34 5.92 -13.41
CA LYS A 245 20.49 5.09 -14.60
C LYS A 245 21.48 3.97 -14.23
N PRO A 246 21.07 2.69 -14.29
CA PRO A 246 21.94 1.59 -13.83
C PRO A 246 22.98 1.19 -14.89
N VAL A 247 23.83 2.16 -15.26
CA VAL A 247 24.85 1.97 -16.29
C VAL A 247 26.20 2.10 -15.58
N PRO A 248 26.89 1.00 -15.39
CA PRO A 248 28.11 1.03 -14.56
C PRO A 248 29.13 2.08 -15.00
N GLU A 249 29.25 2.31 -16.30
CA GLU A 249 30.24 3.25 -16.84
C GLU A 249 29.76 4.70 -16.90
N ARG A 250 28.46 4.91 -16.66
CA ARG A 250 27.84 6.23 -16.78
C ARG A 250 26.76 6.39 -15.73
N LEU A 251 27.15 6.18 -14.46
CA LEU A 251 26.19 6.24 -13.37
C LEU A 251 25.81 7.70 -13.06
N ARG A 252 24.52 8.00 -13.13
CA ARG A 252 23.99 9.33 -12.88
C ARG A 252 22.50 9.23 -12.58
N PRO A 253 21.92 10.24 -11.90
CA PRO A 253 20.49 10.21 -11.64
C PRO A 253 19.70 10.24 -12.94
N VAL A 254 18.50 9.67 -12.93
CA VAL A 254 17.59 9.83 -14.09
C VAL A 254 17.33 11.32 -14.32
N ASP A 255 16.83 11.71 -15.50
CA ASP A 255 16.64 13.13 -15.82
C ASP A 255 15.54 13.78 -14.99
N ARG A 256 14.46 13.05 -14.75
CA ARG A 256 13.30 13.57 -14.03
C ARG A 256 12.78 12.62 -12.95
N MET A 257 12.25 13.18 -11.86
CA MET A 257 11.80 12.39 -10.69
C MET A 257 10.47 12.92 -10.17
N VAL A 258 9.85 12.17 -9.26
CA VAL A 258 8.69 12.70 -8.52
C VAL A 258 9.17 13.71 -7.51
N ALA A 259 8.55 14.89 -7.49
CA ALA A 259 8.96 15.98 -6.59
C ALA A 259 8.21 15.95 -5.29
N HIS A 260 7.04 15.30 -5.23
CA HIS A 260 6.17 15.33 -4.04
C HIS A 260 5.01 14.30 -4.03
N THR A 261 4.85 13.58 -2.92
CA THR A 261 3.65 12.77 -2.70
C THR A 261 2.83 13.39 -1.55
N ALA A 262 3.45 13.45 -0.37
CA ALA A 262 2.74 13.86 0.84
C ALA A 262 3.68 14.28 1.98
N TYR A 263 3.22 15.24 2.79
CA TYR A 263 3.84 15.55 4.08
C TYR A 263 3.29 14.52 5.06
N MET A 264 4.17 13.90 5.82
CA MET A 264 3.78 12.91 6.81
C MET A 264 3.91 13.47 8.20
N ILE A 265 2.85 13.34 9.00
CA ILE A 265 2.84 13.88 10.35
C ILE A 265 2.63 12.77 11.32
N PHE A 266 3.46 12.73 12.38
CA PHE A 266 3.39 11.68 13.39
C PHE A 266 3.24 12.30 14.77
N ALA A 267 2.61 11.58 15.68
CA ALA A 267 2.47 11.98 17.07
C ALA A 267 2.23 10.73 17.93
N THR A 268 2.53 10.86 19.22
CA THR A 268 2.34 9.80 20.20
C THR A 268 1.34 10.26 21.24
N LYS A 269 0.32 9.46 21.48
CA LYS A 269 -0.69 9.75 22.48
C LYS A 269 -0.16 9.56 23.88
N VAL A 270 -0.45 10.55 24.72
CA VAL A 270 -0.28 10.41 26.17
C VAL A 270 -1.62 10.65 26.84
N CYS A 271 -1.73 10.27 28.11
CA CYS A 271 -3.01 10.31 28.79
C CYS A 271 -3.46 11.73 29.11
N ARG A 272 -2.52 12.60 29.45
CA ARG A 272 -2.89 13.96 29.84
C ARG A 272 -1.69 14.87 29.76
N ARG A 273 -1.98 16.16 29.73
CA ARG A 273 -0.97 17.20 29.56
C ARG A 273 -0.32 17.48 30.92
N GLU A 274 -1.12 17.39 31.98
CA GLU A 274 -0.69 17.69 33.34
C GLU A 274 -1.41 16.77 34.31
N GLU A 275 -0.83 16.58 35.49
CA GLU A 275 -1.51 15.81 36.53
C GLU A 275 -2.75 16.58 36.98
#